data_5LAE
#
_entry.id   5LAE
#
_cell.length_a   121.975
_cell.length_b   121.975
_cell.length_c   55.093
_cell.angle_alpha   90.00
_cell.angle_beta   90.00
_cell.angle_gamma   120.00
#
_symmetry.space_group_name_H-M   'P 61'
#
loop_
_entity.id
_entity.type
_entity.pdbx_description
1 polymer 'Peroxisomal N(1)-acetyl-spermine/spermidine oxidase,Peroxisomal N(1)-acetyl-spermine/spermidine oxidase'
2 non-polymer 'FLAVIN-ADENINE DINUCLEOTIDE'
3 non-polymer GLYCEROL
4 water water
#
_entity_poly.entity_id   1
_entity_poly.type   'polypeptide(L)'
_entity_poly.pdbx_seq_one_letter_code
;GGPGPRVLVVGSGIAGLGAAQKLCSHRAAPHLRVLEATASAGGRIRSERCFGGVVELGAHWIHGPSQDNPVFQLAAEFGL
LGEKELSEENQLVDTGGHVALPSMIWSSSGTSVSLELMTEMARLFYGLIERTREFLNESETPMASVGEFLKKEISQQVAS
WTEDDEDTRKRKLAILNTFFNIECCVSGTHSMDLVALAPFGEYTVLPGLDCILAGGYQGLTDRILASLPKDTVAFDKPVK
TIHWNGSFQEAAFPGETFPVLVECEDGARLPAHHVIVTVPLGFLKEHQDTFFEPPLPAKKAEAIKKLGFGTNNKIFLEFE
EPFWEPDCQFIQVVWEDTSPLQDTALSLQDTWFKKLIGFLVQPSFESSHVLCGFIAGLESEFMETLSDEEVLLSLTQVLR
RVTGNPQLPAAKSVRRSQWHSAPYTRGSYSYVAVGSTGDDLDLMAQPLPGLQVLFAGEATHRTFYSTTHGALLSGWREAD
RLVSLWDSQVEQSRPRL
;
_entity_poly.pdbx_strand_id   A
#
# COMPACT_ATOMS: atom_id res chain seq x y z
N GLY A 4 33.34 9.22 -4.19
CA GLY A 4 32.10 9.83 -4.65
C GLY A 4 31.28 10.47 -3.54
N PRO A 5 30.21 11.26 -3.87
CA PRO A 5 29.39 11.89 -2.82
C PRO A 5 28.77 10.86 -1.86
N ARG A 6 28.57 11.25 -0.59
CA ARG A 6 28.01 10.33 0.41
C ARG A 6 26.52 10.42 0.40
N VAL A 7 25.87 9.31 0.01
CA VAL A 7 24.42 9.21 -0.08
C VAL A 7 23.90 8.15 0.88
N LEU A 8 22.83 8.48 1.58
CA LEU A 8 22.15 7.53 2.44
C LEU A 8 20.70 7.45 2.00
N VAL A 9 20.19 6.24 1.88
CA VAL A 9 18.80 6.01 1.49
C VAL A 9 18.12 5.45 2.73
N VAL A 10 17.03 6.07 3.15
CA VAL A 10 16.29 5.61 4.30
C VAL A 10 15.12 4.75 3.84
N GLY A 11 15.19 3.47 4.18
CA GLY A 11 14.16 2.51 3.81
C GLY A 11 14.50 1.69 2.59
N SER A 12 14.28 0.37 2.70
CA SER A 12 14.58 -0.63 1.68
C SER A 12 13.34 -1.27 1.04
N GLY A 13 12.31 -0.44 0.83
CA GLY A 13 11.15 -0.85 0.06
C GLY A 13 11.53 -0.69 -1.41
N ILE A 14 10.58 -0.89 -2.31
CA ILE A 14 10.89 -0.78 -3.73
C ILE A 14 11.39 0.65 -4.11
N ALA A 15 10.91 1.71 -3.44
CA ALA A 15 11.37 3.09 -3.76
C ALA A 15 12.84 3.24 -3.44
N GLY A 16 13.24 2.84 -2.22
CA GLY A 16 14.63 2.92 -1.76
C GLY A 16 15.56 2.06 -2.60
N LEU A 17 15.13 0.83 -2.88
CA LEU A 17 15.92 -0.10 -3.69
C LEU A 17 16.08 0.42 -5.13
N GLY A 18 15.00 0.94 -5.72
CA GLY A 18 15.04 1.52 -7.06
C GLY A 18 15.99 2.70 -7.13
N ALA A 19 15.96 3.60 -6.09
CA ALA A 19 16.85 4.75 -6.01
C ALA A 19 18.31 4.28 -5.93
N ALA A 20 18.55 3.25 -5.08
CA ALA A 20 19.89 2.68 -4.89
C ALA A 20 20.40 2.01 -6.15
N GLN A 21 19.53 1.22 -6.83
CA GLN A 21 19.77 0.49 -8.09
CA GLN A 21 19.88 0.51 -8.05
C GLN A 21 20.33 1.48 -9.12
N LYS A 22 19.57 2.54 -9.36
CA LYS A 22 19.92 3.53 -10.37
C LYS A 22 21.22 4.29 -10.05
N LEU A 23 21.42 4.69 -8.79
CA LEU A 23 22.65 5.39 -8.38
C LEU A 23 23.90 4.49 -8.41
N CYS A 24 23.77 3.21 -7.97
CA CYS A 24 24.89 2.28 -7.94
C CYS A 24 25.28 1.76 -9.32
N SER A 25 24.33 1.79 -10.29
CA SER A 25 24.54 1.33 -11.66
C SER A 25 25.41 2.31 -12.47
N HIS A 26 25.44 3.60 -12.03
CA HIS A 26 26.24 4.69 -12.62
C HIS A 26 27.70 4.23 -12.55
N ARG A 27 28.38 4.09 -13.72
CA ARG A 27 29.78 3.63 -13.83
C ARG A 27 30.74 4.37 -12.88
N ALA A 28 30.40 5.65 -12.57
CA ALA A 28 31.05 6.49 -11.57
C ALA A 28 29.94 6.64 -10.52
N ALA A 29 29.96 5.78 -9.49
CA ALA A 29 28.92 5.71 -8.46
C ALA A 29 29.24 6.45 -7.14
N PRO A 30 28.21 6.93 -6.39
CA PRO A 30 28.49 7.57 -5.09
C PRO A 30 28.80 6.51 -4.01
N HIS A 31 29.25 6.96 -2.84
CA HIS A 31 29.39 6.07 -1.69
C HIS A 31 27.94 6.00 -1.17
N LEU A 32 27.31 4.82 -1.24
CA LEU A 32 25.91 4.73 -0.85
C LEU A 32 25.60 3.59 0.11
N ARG A 33 24.76 3.91 1.10
CA ARG A 33 24.25 2.96 2.09
CA ARG A 33 24.25 2.95 2.06
C ARG A 33 22.74 3.13 2.19
N VAL A 34 22.04 2.02 2.33
CA VAL A 34 20.57 1.97 2.51
C VAL A 34 20.40 1.57 3.96
N LEU A 35 19.63 2.37 4.73
CA LEU A 35 19.38 2.09 6.14
C LEU A 35 17.94 1.61 6.29
N GLU A 36 17.77 0.32 6.62
CA GLU A 36 16.43 -0.28 6.78
C GLU A 36 16.12 -0.56 8.26
N ALA A 37 14.96 -0.08 8.71
CA ALA A 37 14.50 -0.22 10.08
C ALA A 37 14.26 -1.66 10.51
N THR A 38 13.61 -2.45 9.64
CA THR A 38 13.24 -3.83 9.93
C THR A 38 14.34 -4.84 9.52
N ALA A 39 14.07 -6.15 9.72
CA ALA A 39 15.00 -7.23 9.39
C ALA A 39 15.04 -7.62 7.90
N SER A 40 14.10 -7.10 7.07
CA SER A 40 14.04 -7.50 5.68
C SER A 40 13.86 -6.36 4.71
N ALA A 41 14.07 -6.65 3.44
CA ALA A 41 13.91 -5.69 2.36
C ALA A 41 12.55 -5.91 1.75
N GLY A 42 12.03 -4.88 1.11
CA GLY A 42 10.76 -5.00 0.39
C GLY A 42 9.66 -4.16 0.96
N GLY A 43 9.69 -3.91 2.27
CA GLY A 43 8.69 -3.07 2.94
C GLY A 43 7.26 -3.60 2.78
N ARG A 44 6.46 -2.89 1.95
CA ARG A 44 5.06 -3.27 1.70
C ARG A 44 4.90 -4.34 0.61
N ILE A 45 6.03 -4.84 0.11
CA ILE A 45 6.10 -6.01 -0.76
C ILE A 45 6.68 -7.05 0.20
N ARG A 46 5.84 -7.99 0.61
CA ARG A 46 6.26 -8.93 1.65
C ARG A 46 5.57 -10.26 1.39
N SER A 47 6.36 -11.26 0.89
CA SER A 47 5.97 -12.63 0.51
C SER A 47 6.50 -13.57 1.58
N GLU A 48 5.62 -14.40 2.18
CA GLU A 48 5.98 -15.29 3.29
C GLU A 48 5.62 -16.75 3.03
N ARG A 49 6.53 -17.69 3.40
CA ARG A 49 6.31 -19.13 3.27
C ARG A 49 5.29 -19.53 4.32
N CYS A 50 4.13 -20.00 3.86
CA CYS A 50 3.00 -20.30 4.73
C CYS A 50 2.08 -21.34 4.10
N PHE A 51 1.51 -22.24 4.93
CA PHE A 51 0.57 -23.31 4.50
C PHE A 51 1.13 -24.15 3.32
N GLY A 52 2.45 -24.35 3.32
CA GLY A 52 3.18 -25.08 2.29
C GLY A 52 3.45 -24.31 1.03
N GLY A 53 2.93 -23.07 0.95
CA GLY A 53 3.09 -22.19 -0.21
C GLY A 53 3.54 -20.79 0.14
N VAL A 54 3.12 -19.81 -0.66
CA VAL A 54 3.51 -18.41 -0.45
C VAL A 54 2.31 -17.50 -0.24
N VAL A 55 2.32 -16.71 0.84
CA VAL A 55 1.26 -15.74 1.09
C VAL A 55 1.85 -14.34 0.95
N GLU A 56 1.12 -13.44 0.30
CA GLU A 56 1.61 -12.08 0.13
C GLU A 56 0.89 -11.15 1.08
N LEU A 57 1.61 -10.71 2.14
CA LEU A 57 1.01 -9.86 3.18
C LEU A 57 0.79 -8.42 2.71
N GLY A 58 1.52 -7.99 1.69
CA GLY A 58 1.39 -6.66 1.12
C GLY A 58 0.93 -6.72 -0.31
N ALA A 59 1.63 -6.03 -1.23
CA ALA A 59 1.31 -6.03 -2.66
C ALA A 59 1.16 -7.47 -3.22
N HIS A 60 0.15 -7.68 -4.06
CA HIS A 60 -0.11 -8.99 -4.69
C HIS A 60 -0.26 -8.91 -6.20
N TRP A 61 -0.72 -7.76 -6.71
CA TRP A 61 -0.98 -7.59 -8.13
C TRP A 61 -0.13 -6.53 -8.79
N ILE A 62 0.08 -6.68 -10.11
CA ILE A 62 0.66 -5.65 -10.93
C ILE A 62 -0.59 -5.01 -11.51
N HIS A 63 -0.85 -3.74 -11.16
CA HIS A 63 -2.03 -3.03 -11.64
C HIS A 63 -1.68 -2.44 -12.99
N GLY A 64 -2.39 -2.91 -14.02
CA GLY A 64 -2.17 -2.48 -15.39
C GLY A 64 -0.86 -3.04 -15.94
N PRO A 65 -0.72 -4.38 -16.07
CA PRO A 65 0.57 -4.94 -16.53
C PRO A 65 0.78 -4.83 -18.04
N SER A 66 1.22 -3.66 -18.45
CA SER A 66 1.49 -3.35 -19.85
C SER A 66 2.86 -2.70 -19.99
N GLN A 67 3.27 -2.41 -21.24
CA GLN A 67 4.56 -1.82 -21.63
C GLN A 67 5.02 -0.63 -20.77
N ASP A 68 4.12 0.31 -20.47
CA ASP A 68 4.48 1.50 -19.69
C ASP A 68 4.57 1.26 -18.18
N ASN A 69 4.28 0.03 -17.72
CA ASN A 69 4.38 -0.28 -16.29
C ASN A 69 5.79 -0.83 -15.99
N PRO A 70 6.65 -0.06 -15.27
CA PRO A 70 8.03 -0.52 -15.02
C PRO A 70 8.11 -1.77 -14.17
N VAL A 71 7.10 -2.02 -13.31
CA VAL A 71 7.05 -3.24 -12.50
C VAL A 71 6.79 -4.44 -13.42
N PHE A 72 5.89 -4.29 -14.42
CA PHE A 72 5.62 -5.37 -15.36
C PHE A 72 6.95 -5.63 -16.15
N GLN A 73 7.57 -4.55 -16.65
CA GLN A 73 8.86 -4.63 -17.38
C GLN A 73 9.92 -5.38 -16.58
N LEU A 74 10.09 -5.03 -15.28
CA LEU A 74 11.06 -5.71 -14.42
C LEU A 74 10.69 -7.15 -14.14
N ALA A 75 9.40 -7.42 -13.83
CA ALA A 75 9.00 -8.81 -13.56
C ALA A 75 9.30 -9.69 -14.80
N ALA A 76 9.03 -9.16 -16.02
CA ALA A 76 9.30 -9.90 -17.28
C ALA A 76 10.84 -10.13 -17.43
N GLU A 77 11.66 -9.10 -17.18
CA GLU A 77 13.13 -9.19 -17.27
C GLU A 77 13.69 -10.22 -16.28
N PHE A 78 13.05 -10.32 -15.11
CA PHE A 78 13.51 -11.21 -14.06
C PHE A 78 12.98 -12.63 -14.17
N GLY A 79 12.05 -12.88 -15.07
CA GLY A 79 11.42 -14.19 -15.18
C GLY A 79 10.44 -14.49 -14.05
N LEU A 80 9.78 -13.43 -13.53
CA LEU A 80 8.83 -13.62 -12.42
C LEU A 80 7.38 -13.79 -12.82
N LEU A 81 7.09 -13.73 -14.13
CA LEU A 81 5.72 -13.86 -14.61
C LEU A 81 5.46 -15.22 -15.21
N GLY A 82 4.25 -15.72 -15.01
CA GLY A 82 3.80 -16.97 -15.61
C GLY A 82 3.47 -16.72 -17.07
N GLU A 83 3.47 -17.78 -17.86
CA GLU A 83 3.18 -17.81 -19.30
C GLU A 83 1.88 -17.08 -19.67
N LYS A 84 0.78 -17.35 -18.92
CA LYS A 84 -0.56 -16.73 -19.09
C LYS A 84 -0.49 -15.20 -18.99
N GLU A 85 0.28 -14.70 -18.01
CA GLU A 85 0.48 -13.27 -17.77
C GLU A 85 1.24 -12.61 -18.94
N LEU A 86 2.13 -13.37 -19.60
CA LEU A 86 2.94 -12.97 -20.75
C LEU A 86 2.14 -13.16 -22.07
N SER A 87 1.09 -12.33 -22.28
CA SER A 87 0.24 -12.38 -23.47
C SER A 87 -0.39 -11.02 -23.80
N PRO A 102 -14.11 -14.53 -11.48
CA PRO A 102 -15.07 -15.62 -11.22
C PRO A 102 -15.52 -15.56 -9.76
N SER A 103 -16.73 -15.02 -9.54
CA SER A 103 -17.24 -14.79 -8.20
C SER A 103 -18.51 -15.56 -7.81
N MET A 104 -18.60 -15.87 -6.50
CA MET A 104 -19.75 -16.48 -5.84
C MET A 104 -20.21 -15.44 -4.84
N ILE A 105 -21.51 -15.13 -4.83
CA ILE A 105 -22.06 -14.13 -3.92
C ILE A 105 -22.88 -14.80 -2.83
N TRP A 106 -22.44 -14.64 -1.59
CA TRP A 106 -23.11 -15.25 -0.43
C TRP A 106 -23.66 -14.18 0.51
N SER A 107 -24.95 -14.26 0.83
CA SER A 107 -25.58 -13.33 1.76
C SER A 107 -25.32 -13.78 3.19
N SER A 108 -25.51 -12.88 4.17
CA SER A 108 -25.35 -13.24 5.59
C SER A 108 -26.57 -14.02 6.10
N SER A 109 -27.56 -14.28 5.22
CA SER A 109 -28.77 -15.08 5.51
C SER A 109 -28.59 -16.56 5.12
N GLY A 110 -27.43 -16.89 4.56
CA GLY A 110 -27.09 -18.25 4.14
C GLY A 110 -27.65 -18.60 2.78
N THR A 111 -28.02 -17.58 1.99
CA THR A 111 -28.59 -17.75 0.65
C THR A 111 -27.73 -17.05 -0.42
N SER A 112 -27.80 -17.54 -1.67
CA SER A 112 -27.06 -16.90 -2.76
C SER A 112 -27.83 -15.64 -3.22
N VAL A 113 -27.09 -14.70 -3.81
CA VAL A 113 -27.65 -13.45 -4.32
C VAL A 113 -27.80 -13.56 -5.84
N SER A 114 -28.89 -12.97 -6.39
CA SER A 114 -29.20 -12.92 -7.83
C SER A 114 -28.02 -12.34 -8.61
N LEU A 115 -27.60 -13.04 -9.68
CA LEU A 115 -26.51 -12.60 -10.55
C LEU A 115 -26.96 -11.35 -11.34
N GLU A 116 -28.26 -11.31 -11.69
CA GLU A 116 -28.85 -10.18 -12.38
C GLU A 116 -28.83 -8.92 -11.48
N LEU A 117 -29.26 -9.05 -10.20
CA LEU A 117 -29.28 -7.94 -9.23
C LEU A 117 -27.86 -7.42 -8.93
N MET A 118 -26.90 -8.34 -8.81
CA MET A 118 -25.48 -8.07 -8.61
C MET A 118 -24.99 -7.21 -9.76
N THR A 119 -25.28 -7.64 -11.03
CA THR A 119 -24.91 -6.91 -12.24
C THR A 119 -25.54 -5.53 -12.22
N GLU A 120 -26.86 -5.45 -11.93
CA GLU A 120 -27.60 -4.17 -11.86
C GLU A 120 -26.93 -3.19 -10.91
N MET A 121 -26.57 -3.67 -9.70
CA MET A 121 -25.95 -2.82 -8.69
C MET A 121 -24.52 -2.48 -9.04
N ALA A 122 -23.78 -3.42 -9.68
CA ALA A 122 -22.41 -3.17 -10.12
C ALA A 122 -22.38 -2.14 -11.23
N ARG A 123 -23.41 -2.16 -12.09
CA ARG A 123 -23.54 -1.22 -13.18
C ARG A 123 -23.87 0.17 -12.65
N LEU A 124 -24.68 0.24 -11.59
CA LEU A 124 -25.05 1.50 -10.95
C LEU A 124 -23.81 2.06 -10.23
N PHE A 125 -23.16 1.22 -9.41
CA PHE A 125 -22.02 1.60 -8.58
C PHE A 125 -20.77 1.97 -9.40
N TYR A 126 -20.30 1.04 -10.25
CA TYR A 126 -19.08 1.26 -11.02
C TYR A 126 -19.28 2.28 -12.14
N GLY A 127 -20.52 2.49 -12.57
CA GLY A 127 -20.87 3.54 -13.51
C GLY A 127 -20.66 4.88 -12.84
N LEU A 128 -21.04 4.96 -11.56
CA LEU A 128 -20.86 6.17 -10.76
C LEU A 128 -19.38 6.39 -10.41
N ILE A 129 -18.62 5.32 -10.10
CA ILE A 129 -17.17 5.42 -9.85
C ILE A 129 -16.48 6.04 -11.09
N GLU A 130 -16.82 5.53 -12.28
CA GLU A 130 -16.27 6.06 -13.53
C GLU A 130 -16.58 7.56 -13.65
N ARG A 131 -17.80 7.97 -13.28
CA ARG A 131 -18.25 9.36 -13.30
C ARG A 131 -17.45 10.26 -12.37
N THR A 132 -17.05 9.74 -11.17
CA THR A 132 -16.26 10.51 -10.19
C THR A 132 -14.83 10.74 -10.74
N ARG A 133 -14.37 9.83 -11.60
CA ARG A 133 -13.04 9.88 -12.23
C ARG A 133 -13.04 10.73 -13.50
N GLU A 134 -14.23 10.88 -14.13
CA GLU A 134 -14.50 11.62 -15.36
C GLU A 134 -14.26 13.12 -15.17
N ALA A 144 -16.73 17.78 -3.18
CA ALA A 144 -16.45 17.44 -1.76
C ALA A 144 -15.77 16.04 -1.69
N SER A 145 -16.53 14.96 -1.44
CA SER A 145 -15.97 13.61 -1.43
C SER A 145 -16.60 12.67 -2.45
N VAL A 146 -15.85 11.60 -2.78
CA VAL A 146 -16.31 10.53 -3.66
C VAL A 146 -17.54 9.89 -2.99
N GLY A 147 -17.44 9.56 -1.71
CA GLY A 147 -18.52 8.92 -0.96
C GLY A 147 -19.83 9.71 -1.02
N GLU A 148 -19.74 11.02 -0.81
CA GLU A 148 -20.94 11.89 -0.81
C GLU A 148 -21.62 11.96 -2.16
N PHE A 149 -20.81 11.98 -3.24
CA PHE A 149 -21.32 11.99 -4.61
C PHE A 149 -22.04 10.69 -4.87
N LEU A 150 -21.36 9.54 -4.63
CA LEU A 150 -21.97 8.20 -4.79
C LEU A 150 -23.29 8.07 -4.02
N LYS A 151 -23.33 8.52 -2.75
CA LYS A 151 -24.53 8.41 -1.90
C LYS A 151 -25.69 9.30 -2.40
N LYS A 152 -25.39 10.52 -2.84
CA LYS A 152 -26.40 11.46 -3.37
C LYS A 152 -27.04 10.88 -4.63
N GLU A 153 -26.19 10.34 -5.56
CA GLU A 153 -26.66 9.72 -6.79
C GLU A 153 -27.47 8.43 -6.53
N ILE A 154 -26.97 7.55 -5.62
CA ILE A 154 -27.70 6.32 -5.29
C ILE A 154 -29.09 6.66 -4.67
N SER A 155 -29.14 7.64 -3.73
CA SER A 155 -30.40 8.08 -3.12
C SER A 155 -31.42 8.52 -4.19
N GLN A 156 -30.97 9.28 -5.21
CA GLN A 156 -31.82 9.74 -6.32
C GLN A 156 -32.34 8.53 -7.11
N GLN A 157 -31.50 7.49 -7.26
CA GLN A 157 -31.86 6.25 -7.93
C GLN A 157 -32.85 5.43 -7.09
N VAL A 158 -32.76 5.51 -5.73
CA VAL A 158 -33.66 4.81 -4.80
C VAL A 158 -35.01 5.54 -4.81
N GLU A 166 -40.07 -4.08 -1.30
CA GLU A 166 -39.22 -3.44 -0.31
C GLU A 166 -38.04 -4.32 0.13
N ASP A 167 -38.19 -5.65 0.02
CA ASP A 167 -37.12 -6.61 0.32
C ASP A 167 -36.08 -6.58 -0.79
N THR A 168 -36.50 -6.21 -2.03
CA THR A 168 -35.62 -6.03 -3.19
C THR A 168 -34.81 -4.76 -2.97
N ARG A 169 -35.43 -3.71 -2.37
CA ARG A 169 -34.76 -2.44 -2.06
C ARG A 169 -33.64 -2.63 -1.05
N LYS A 170 -33.93 -3.35 0.06
CA LYS A 170 -32.96 -3.65 1.12
C LYS A 170 -31.83 -4.53 0.57
N ARG A 171 -32.19 -5.53 -0.29
CA ARG A 171 -31.22 -6.40 -0.95
C ARG A 171 -30.27 -5.58 -1.83
N LYS A 172 -30.83 -4.67 -2.65
CA LYS A 172 -30.05 -3.76 -3.52
C LYS A 172 -29.12 -2.90 -2.67
N LEU A 173 -29.63 -2.30 -1.56
CA LEU A 173 -28.78 -1.48 -0.69
C LEU A 173 -27.68 -2.29 0.02
N ALA A 174 -27.98 -3.56 0.36
CA ALA A 174 -27.03 -4.47 1.01
C ALA A 174 -25.87 -4.80 0.06
N ILE A 175 -26.18 -5.11 -1.22
CA ILE A 175 -25.19 -5.37 -2.28
C ILE A 175 -24.29 -4.13 -2.44
N LEU A 176 -24.91 -2.93 -2.55
CA LEU A 176 -24.19 -1.65 -2.69
C LEU A 176 -23.24 -1.41 -1.53
N ASN A 177 -23.67 -1.75 -0.31
CA ASN A 177 -22.87 -1.63 0.92
C ASN A 177 -21.52 -2.35 0.77
N THR A 178 -21.52 -3.60 0.24
CA THR A 178 -20.29 -4.35 -0.03
C THR A 178 -19.46 -3.66 -1.11
N PHE A 179 -20.11 -3.08 -2.15
CA PHE A 179 -19.32 -2.38 -3.17
C PHE A 179 -18.57 -1.19 -2.57
N PHE A 180 -19.20 -0.47 -1.62
CA PHE A 180 -18.54 0.66 -0.94
C PHE A 180 -17.36 0.13 -0.14
N ASN A 181 -17.54 -1.02 0.54
CA ASN A 181 -16.48 -1.64 1.33
C ASN A 181 -15.32 -2.11 0.46
N ILE A 182 -15.58 -2.62 -0.76
CA ILE A 182 -14.51 -2.99 -1.71
C ILE A 182 -13.76 -1.72 -2.14
N GLU A 183 -14.48 -0.60 -2.41
CA GLU A 183 -13.78 0.64 -2.80
C GLU A 183 -12.93 1.17 -1.65
N CYS A 184 -13.35 0.92 -0.38
CA CYS A 184 -12.54 1.31 0.79
C CYS A 184 -11.21 0.55 0.77
N CYS A 185 -11.24 -0.77 0.46
CA CYS A 185 -10.03 -1.59 0.32
C CYS A 185 -9.13 -1.02 -0.80
N VAL A 186 -9.71 -0.74 -1.97
CA VAL A 186 -9.01 -0.22 -3.15
C VAL A 186 -8.33 1.12 -2.83
N SER A 187 -9.08 2.06 -2.24
CA SER A 187 -8.50 3.37 -1.90
C SER A 187 -7.58 3.33 -0.70
N GLY A 188 -7.73 2.33 0.14
CA GLY A 188 -6.99 2.24 1.40
C GLY A 188 -7.51 3.31 2.33
N THR A 189 -8.82 3.37 2.50
CA THR A 189 -9.47 4.38 3.38
C THR A 189 -10.48 3.70 4.28
N HIS A 190 -10.81 4.35 5.40
CA HIS A 190 -11.88 3.86 6.28
C HIS A 190 -13.27 4.05 5.59
N SER A 191 -13.41 5.14 4.81
CA SER A 191 -14.67 5.52 4.15
C SER A 191 -14.42 6.30 2.87
N MET A 192 -15.25 6.10 1.85
CA MET A 192 -15.16 6.84 0.58
C MET A 192 -15.52 8.31 0.81
N ASP A 193 -16.20 8.60 1.95
CA ASP A 193 -16.53 9.98 2.36
C ASP A 193 -15.25 10.74 2.75
N LEU A 194 -14.11 10.04 2.94
CA LEU A 194 -12.86 10.70 3.30
C LEU A 194 -12.01 10.96 2.06
N VAL A 195 -12.42 10.43 0.91
CA VAL A 195 -11.69 10.51 -0.35
C VAL A 195 -12.14 11.74 -1.16
N ALA A 196 -11.21 12.67 -1.42
CA ALA A 196 -11.46 13.89 -2.20
C ALA A 196 -11.97 13.60 -3.61
N LEU A 197 -13.06 14.25 -3.98
CA LEU A 197 -13.71 14.03 -5.28
C LEU A 197 -12.93 14.64 -6.45
N ALA A 198 -12.65 15.96 -6.40
CA ALA A 198 -11.98 16.63 -7.52
C ALA A 198 -10.65 15.95 -7.95
N PRO A 199 -9.75 15.55 -7.03
CA PRO A 199 -8.50 14.92 -7.46
C PRO A 199 -8.61 13.44 -7.82
N PHE A 200 -9.76 12.79 -7.54
CA PHE A 200 -9.94 11.34 -7.72
C PHE A 200 -9.51 10.81 -9.08
N GLY A 201 -9.86 11.52 -10.15
CA GLY A 201 -9.52 11.16 -11.52
C GLY A 201 -8.05 11.28 -11.88
N GLU A 202 -7.24 11.95 -11.03
CA GLU A 202 -5.80 12.09 -11.34
C GLU A 202 -5.07 10.73 -11.31
N TYR A 203 -5.55 9.79 -10.49
CA TYR A 203 -4.96 8.46 -10.36
C TYR A 203 -4.99 7.78 -11.74
N THR A 204 -3.84 7.33 -12.22
CA THR A 204 -3.71 6.75 -13.55
C THR A 204 -3.71 5.24 -13.50
N VAL A 205 -4.62 4.64 -14.27
CA VAL A 205 -4.76 3.19 -14.40
C VAL A 205 -4.18 2.80 -15.77
N LEU A 206 -3.08 2.04 -15.78
CA LEU A 206 -2.47 1.62 -17.05
C LEU A 206 -3.28 0.46 -17.69
N PRO A 207 -3.21 0.24 -19.02
CA PRO A 207 -3.97 -0.89 -19.61
C PRO A 207 -3.49 -2.26 -19.14
N GLY A 208 -4.35 -3.27 -19.30
CA GLY A 208 -4.08 -4.67 -19.01
C GLY A 208 -4.83 -5.22 -17.82
N LEU A 209 -5.17 -6.52 -17.88
CA LEU A 209 -5.87 -7.21 -16.79
C LEU A 209 -4.83 -7.44 -15.69
N ASP A 210 -5.15 -7.04 -14.44
CA ASP A 210 -4.22 -7.20 -13.31
C ASP A 210 -3.79 -8.62 -13.12
N CYS A 211 -2.50 -8.81 -12.86
CA CYS A 211 -1.91 -10.13 -12.72
C CYS A 211 -1.04 -10.24 -11.48
N ILE A 212 -0.81 -11.47 -11.04
CA ILE A 212 0.05 -11.75 -9.90
C ILE A 212 1.43 -12.09 -10.45
N LEU A 213 2.41 -12.26 -9.56
CA LEU A 213 3.76 -12.70 -9.95
C LEU A 213 3.85 -14.14 -9.51
N ALA A 214 3.90 -15.06 -10.50
CA ALA A 214 4.05 -16.49 -10.25
C ALA A 214 5.34 -16.69 -9.43
N GLY A 215 6.33 -15.85 -9.69
CA GLY A 215 7.61 -15.84 -9.00
C GLY A 215 7.60 -15.18 -7.64
N GLY A 216 6.42 -14.77 -7.14
CA GLY A 216 6.23 -14.10 -5.84
C GLY A 216 6.68 -12.66 -5.88
N TYR A 217 5.90 -11.73 -5.29
CA TYR A 217 6.20 -10.29 -5.40
C TYR A 217 7.54 -9.91 -4.80
N GLN A 218 7.87 -10.46 -3.62
CA GLN A 218 9.16 -10.19 -3.02
C GLN A 218 10.37 -10.65 -3.86
N GLY A 219 10.15 -11.53 -4.84
CA GLY A 219 11.22 -11.89 -5.77
C GLY A 219 11.71 -10.67 -6.54
N LEU A 220 10.80 -9.71 -6.80
CA LEU A 220 11.13 -8.46 -7.50
C LEU A 220 12.12 -7.59 -6.69
N THR A 221 11.81 -7.33 -5.41
CA THR A 221 12.68 -6.52 -4.56
C THR A 221 13.96 -7.29 -4.21
N ASP A 222 13.90 -8.62 -4.03
CA ASP A 222 15.10 -9.41 -3.73
C ASP A 222 16.06 -9.31 -4.91
N ARG A 223 15.53 -9.29 -6.14
CA ARG A 223 16.41 -9.23 -7.32
C ARG A 223 17.15 -7.87 -7.40
N ILE A 224 16.41 -6.77 -7.14
CA ILE A 224 17.00 -5.42 -7.15
C ILE A 224 18.06 -5.32 -6.03
N LEU A 225 17.71 -5.77 -4.81
CA LEU A 225 18.62 -5.79 -3.67
C LEU A 225 19.94 -6.51 -4.03
N ALA A 226 19.83 -7.70 -4.66
CA ALA A 226 20.98 -8.53 -5.07
C ALA A 226 21.91 -7.83 -6.07
N SER A 227 21.37 -6.89 -6.89
CA SER A 227 22.14 -6.13 -7.88
C SER A 227 23.02 -5.06 -7.23
N LEU A 228 22.72 -4.69 -5.97
CA LEU A 228 23.49 -3.67 -5.27
C LEU A 228 24.87 -4.19 -4.84
N PRO A 229 25.90 -3.33 -4.68
CA PRO A 229 27.19 -3.84 -4.17
C PRO A 229 27.03 -4.48 -2.79
N LYS A 230 27.99 -5.34 -2.39
CA LYS A 230 27.97 -6.03 -1.10
C LYS A 230 27.88 -5.03 0.03
N ASP A 231 27.12 -5.38 1.08
CA ASP A 231 26.93 -4.59 2.30
C ASP A 231 26.34 -3.17 2.04
N THR A 232 25.63 -2.95 0.91
CA THR A 232 24.98 -1.66 0.67
C THR A 232 23.85 -1.47 1.70
N VAL A 233 23.07 -2.53 1.98
CA VAL A 233 21.93 -2.39 2.89
C VAL A 233 22.25 -2.83 4.32
N ALA A 234 21.91 -1.97 5.30
CA ALA A 234 22.05 -2.26 6.71
C ALA A 234 20.64 -2.50 7.26
N PHE A 235 20.36 -3.72 7.78
CA PHE A 235 19.05 -4.07 8.34
C PHE A 235 19.02 -3.84 9.84
N ASP A 236 17.81 -3.79 10.45
CA ASP A 236 17.66 -3.52 11.90
C ASP A 236 18.39 -2.22 12.28
N LYS A 237 18.36 -1.21 11.36
CA LYS A 237 19.05 0.04 11.58
C LYS A 237 18.09 1.24 11.38
N PRO A 238 17.05 1.38 12.24
CA PRO A 238 16.10 2.48 12.03
C PRO A 238 16.75 3.84 12.28
N VAL A 239 16.36 4.81 11.46
CA VAL A 239 16.81 6.19 11.56
C VAL A 239 15.90 6.92 12.56
N LYS A 240 16.52 7.67 13.48
CA LYS A 240 15.75 8.41 14.49
C LYS A 240 15.51 9.85 13.99
N THR A 241 16.58 10.54 13.57
CA THR A 241 16.47 11.93 13.14
C THR A 241 17.44 12.24 12.03
N ILE A 242 16.96 13.00 11.05
CA ILE A 242 17.80 13.51 9.98
C ILE A 242 18.07 14.96 10.34
N HIS A 243 19.34 15.29 10.57
CA HIS A 243 19.74 16.65 10.94
C HIS A 243 20.23 17.30 9.68
N TRP A 244 19.61 18.41 9.25
CA TRP A 244 20.02 19.05 8.00
C TRP A 244 20.27 20.55 8.19
N ASN A 245 20.69 21.23 7.12
CA ASN A 245 21.03 22.66 7.11
C ASN A 245 22.16 23.00 8.11
N GLY A 246 23.11 22.08 8.28
CA GLY A 246 24.22 22.25 9.20
C GLY A 246 25.56 22.14 8.54
N SER A 247 26.59 22.01 9.37
CA SER A 247 27.98 21.86 8.95
C SER A 247 28.52 20.92 9.98
N PHE A 248 28.36 19.63 9.70
CA PHE A 248 28.71 18.54 10.60
C PHE A 248 29.98 17.88 10.18
N GLN A 249 30.92 17.87 11.12
CA GLN A 249 32.22 17.30 10.99
C GLN A 249 32.14 15.78 11.10
N GLU A 250 32.81 15.07 10.18
CA GLU A 250 32.92 13.62 10.27
C GLU A 250 33.93 13.29 11.40
N ALA A 251 33.81 12.09 11.99
CA ALA A 251 34.66 11.66 13.09
C ALA A 251 36.16 11.50 12.73
N ALA A 252 36.45 10.97 11.55
CA ALA A 252 37.84 10.74 11.13
C ALA A 252 38.44 11.89 10.32
N PHE A 253 39.75 11.81 10.05
CA PHE A 253 40.45 12.77 9.18
C PHE A 253 39.85 12.66 7.75
N PRO A 254 39.69 13.76 6.98
CA PRO A 254 40.08 15.15 7.27
C PRO A 254 39.02 15.99 7.98
N GLY A 255 38.25 15.39 8.89
CA GLY A 255 37.20 16.08 9.65
C GLY A 255 36.33 16.96 8.78
N GLU A 256 36.15 16.51 7.51
CA GLU A 256 35.38 17.12 6.45
C GLU A 256 33.98 17.42 6.96
N THR A 257 33.45 18.58 6.58
CA THR A 257 32.13 19.00 6.99
C THR A 257 31.10 18.56 5.97
N PHE A 258 29.91 18.23 6.46
CA PHE A 258 28.80 17.73 5.66
C PHE A 258 27.55 18.50 6.04
N PRO A 259 26.60 18.71 5.09
CA PRO A 259 25.38 19.44 5.45
C PRO A 259 24.39 18.62 6.27
N VAL A 260 24.47 17.27 6.18
CA VAL A 260 23.48 16.39 6.83
C VAL A 260 24.13 15.37 7.74
N LEU A 261 23.46 15.07 8.84
CA LEU A 261 23.88 14.06 9.80
C LEU A 261 22.65 13.18 10.10
N VAL A 262 22.77 11.90 9.75
CA VAL A 262 21.73 10.90 9.98
C VAL A 262 22.00 10.23 11.33
N GLU A 263 21.12 10.45 12.28
CA GLU A 263 21.16 9.92 13.64
C GLU A 263 20.29 8.67 13.73
N CYS A 264 20.90 7.50 13.89
CA CYS A 264 20.14 6.27 14.01
C CYS A 264 19.68 6.05 15.44
N GLU A 265 18.63 5.21 15.59
CA GLU A 265 18.09 4.84 16.91
C GLU A 265 19.18 4.21 17.79
N ASP A 266 20.11 3.44 17.19
CA ASP A 266 21.25 2.77 17.87
C ASP A 266 22.43 3.72 18.22
N GLY A 267 22.25 5.02 17.98
CA GLY A 267 23.27 6.04 18.24
C GLY A 267 24.25 6.30 17.11
N ALA A 268 24.19 5.52 16.00
CA ALA A 268 25.08 5.74 14.86
C ALA A 268 24.92 7.17 14.32
N ARG A 269 26.04 7.82 14.05
CA ARG A 269 26.11 9.22 13.63
C ARG A 269 26.67 9.19 12.21
N LEU A 270 25.80 9.37 11.21
CA LEU A 270 26.24 9.20 9.83
C LEU A 270 26.21 10.46 8.99
N PRO A 271 27.37 11.07 8.71
CA PRO A 271 27.35 12.31 7.89
C PRO A 271 27.07 11.96 6.44
N ALA A 272 26.39 12.86 5.74
CA ALA A 272 26.06 12.64 4.33
C ALA A 272 25.92 13.97 3.63
N HIS A 273 26.06 13.94 2.30
CA HIS A 273 25.83 15.08 1.42
C HIS A 273 24.34 15.05 1.01
N HIS A 274 23.76 13.83 0.84
CA HIS A 274 22.36 13.69 0.42
C HIS A 274 21.68 12.50 1.11
N VAL A 275 20.44 12.67 1.52
CA VAL A 275 19.68 11.58 2.16
C VAL A 275 18.35 11.42 1.40
N ILE A 276 18.10 10.23 0.84
CA ILE A 276 16.82 10.00 0.15
C ILE A 276 15.89 9.29 1.15
N VAL A 277 14.85 9.99 1.62
CA VAL A 277 13.86 9.46 2.54
C VAL A 277 12.77 8.71 1.73
N THR A 278 12.53 7.41 2.06
CA THR A 278 11.49 6.62 1.35
C THR A 278 10.50 6.03 2.36
N VAL A 279 10.56 6.50 3.61
CA VAL A 279 9.71 5.98 4.68
C VAL A 279 8.21 6.22 4.38
N PRO A 280 7.31 5.32 4.86
CA PRO A 280 5.87 5.47 4.54
C PRO A 280 5.23 6.71 5.13
N LEU A 281 4.18 7.20 4.45
CA LEU A 281 3.46 8.39 4.93
C LEU A 281 2.93 8.22 6.37
N GLY A 282 2.51 7.00 6.74
CA GLY A 282 2.03 6.74 8.10
C GLY A 282 3.09 6.98 9.16
N PHE A 283 4.35 6.64 8.85
CA PHE A 283 5.49 6.87 9.72
C PHE A 283 5.73 8.40 9.82
N LEU A 284 5.68 9.12 8.65
CA LEU A 284 5.88 10.57 8.62
C LEU A 284 4.81 11.32 9.39
N LYS A 285 3.54 10.87 9.27
CA LYS A 285 2.43 11.50 10.01
C LYS A 285 2.68 11.43 11.53
N GLU A 286 3.14 10.27 12.01
CA GLU A 286 3.41 10.06 13.43
C GLU A 286 4.69 10.75 13.94
N HIS A 287 5.78 10.78 13.13
CA HIS A 287 7.09 11.24 13.61
C HIS A 287 7.80 12.41 12.90
N GLN A 288 7.17 13.10 11.91
CA GLN A 288 7.89 14.18 11.21
C GLN A 288 8.51 15.26 12.12
N ASP A 289 7.87 15.51 13.27
CA ASP A 289 8.31 16.53 14.22
C ASP A 289 9.65 16.19 14.87
N THR A 290 9.95 14.89 15.07
CA THR A 290 11.22 14.44 15.65
C THR A 290 12.18 13.87 14.59
N PHE A 291 11.64 13.42 13.45
CA PHE A 291 12.38 12.80 12.35
C PHE A 291 13.22 13.78 11.55
N PHE A 292 12.85 15.07 11.56
CA PHE A 292 13.61 16.10 10.87
C PHE A 292 13.99 17.19 11.88
N GLU A 293 15.26 17.64 11.79
CA GLU A 293 15.85 18.70 12.61
C GLU A 293 16.73 19.58 11.70
N PRO A 294 16.35 20.84 11.40
CA PRO A 294 15.13 21.57 11.84
C PRO A 294 13.83 20.96 11.27
N PRO A 295 12.62 21.43 11.70
CA PRO A 295 11.39 20.88 11.13
C PRO A 295 11.28 21.11 9.63
N LEU A 296 10.46 20.29 8.94
CA LEU A 296 10.31 20.45 7.50
C LEU A 296 9.71 21.82 7.14
N PRO A 297 9.99 22.38 5.93
CA PRO A 297 9.29 23.64 5.52
C PRO A 297 7.77 23.44 5.65
N ALA A 298 7.04 24.48 6.14
CA ALA A 298 5.59 24.45 6.44
C ALA A 298 4.68 23.74 5.41
N LYS A 299 4.88 23.99 4.10
CA LYS A 299 4.08 23.41 3.03
C LYS A 299 4.20 21.87 2.98
N LYS A 300 5.42 21.35 3.16
CA LYS A 300 5.69 19.90 3.19
C LYS A 300 5.14 19.27 4.45
N ALA A 301 5.24 19.98 5.61
CA ALA A 301 4.70 19.49 6.87
C ALA A 301 3.16 19.38 6.78
N GLU A 302 2.50 20.37 6.14
CA GLU A 302 1.06 20.37 5.94
C GLU A 302 0.63 19.26 4.95
N ALA A 303 1.41 19.04 3.88
CA ALA A 303 1.12 17.97 2.91
C ALA A 303 1.04 16.61 3.62
N ILE A 304 2.01 16.34 4.51
CA ILE A 304 2.03 15.10 5.31
C ILE A 304 0.75 14.95 6.15
N LYS A 305 0.31 16.07 6.79
CA LYS A 305 -0.88 16.03 7.64
C LYS A 305 -2.19 15.85 6.85
N LYS A 306 -2.34 16.57 5.73
CA LYS A 306 -3.54 16.61 4.91
C LYS A 306 -3.85 15.34 4.12
N LEU A 307 -2.82 14.72 3.51
CA LEU A 307 -3.03 13.50 2.72
C LEU A 307 -3.60 12.34 3.54
N GLY A 308 -4.27 11.41 2.87
CA GLY A 308 -4.84 10.26 3.56
C GLY A 308 -3.83 9.13 3.64
N PHE A 309 -3.93 8.28 4.66
CA PHE A 309 -3.07 7.10 4.79
C PHE A 309 -3.85 6.12 5.61
N GLY A 310 -4.57 5.25 4.92
CA GLY A 310 -5.46 4.30 5.56
C GLY A 310 -4.93 2.89 5.62
N THR A 311 -5.72 2.02 6.26
CA THR A 311 -5.36 0.64 6.50
C THR A 311 -6.19 -0.31 5.67
N ASN A 312 -5.51 -1.23 5.00
CA ASN A 312 -6.12 -2.34 4.30
C ASN A 312 -5.32 -3.60 4.71
N ASN A 313 -6.01 -4.60 5.27
CA ASN A 313 -5.36 -5.83 5.73
C ASN A 313 -5.92 -7.05 5.07
N LYS A 314 -5.10 -8.10 5.03
CA LYS A 314 -5.38 -9.40 4.48
C LYS A 314 -5.45 -10.44 5.59
N ILE A 315 -6.39 -11.35 5.49
CA ILE A 315 -6.55 -12.41 6.46
C ILE A 315 -6.56 -13.74 5.69
N PHE A 316 -5.46 -14.46 5.77
CA PHE A 316 -5.34 -15.75 5.11
C PHE A 316 -5.85 -16.84 6.07
N LEU A 317 -6.77 -17.67 5.58
CA LEU A 317 -7.37 -18.78 6.30
C LEU A 317 -7.11 -20.08 5.56
N GLU A 318 -6.47 -21.03 6.25
CA GLU A 318 -6.17 -22.35 5.70
C GLU A 318 -7.27 -23.34 6.12
N PHE A 319 -7.80 -24.12 5.16
CA PHE A 319 -8.84 -25.13 5.38
C PHE A 319 -8.33 -26.48 4.93
N GLU A 320 -8.70 -27.54 5.68
CA GLU A 320 -8.31 -28.91 5.34
C GLU A 320 -8.93 -29.29 4.00
N GLU A 321 -10.20 -28.93 3.79
CA GLU A 321 -10.93 -29.20 2.56
C GLU A 321 -11.62 -27.93 2.03
N PRO A 322 -11.74 -27.75 0.69
CA PRO A 322 -12.48 -26.58 0.19
C PRO A 322 -14.00 -26.77 0.33
N PHE A 323 -14.72 -25.71 0.69
CA PHE A 323 -16.17 -25.78 0.84
C PHE A 323 -16.84 -24.93 -0.22
N TRP A 324 -16.05 -24.33 -1.11
CA TRP A 324 -16.49 -23.45 -2.20
C TRP A 324 -16.38 -24.22 -3.52
N GLU A 325 -17.02 -23.71 -4.58
CA GLU A 325 -16.94 -24.33 -5.91
C GLU A 325 -15.50 -24.24 -6.45
N PRO A 326 -14.93 -25.33 -7.03
CA PRO A 326 -13.52 -25.27 -7.50
C PRO A 326 -13.17 -24.18 -8.50
N ASP A 327 -14.15 -23.69 -9.29
CA ASP A 327 -14.00 -22.62 -10.28
C ASP A 327 -14.07 -21.22 -9.68
N CYS A 328 -14.50 -21.13 -8.40
CA CYS A 328 -14.66 -19.89 -7.66
C CYS A 328 -13.33 -19.22 -7.35
N GLN A 329 -13.28 -17.89 -7.53
CA GLN A 329 -12.06 -17.14 -7.23
C GLN A 329 -12.29 -16.08 -6.15
N PHE A 330 -13.45 -15.43 -6.14
CA PHE A 330 -13.78 -14.39 -5.15
C PHE A 330 -15.16 -14.64 -4.55
N ILE A 331 -15.19 -14.91 -3.25
CA ILE A 331 -16.43 -15.14 -2.54
C ILE A 331 -16.83 -13.77 -1.95
N GLN A 332 -17.79 -13.08 -2.58
CA GLN A 332 -18.24 -11.79 -2.10
C GLN A 332 -19.31 -11.99 -1.03
N VAL A 333 -19.16 -11.32 0.13
CA VAL A 333 -20.11 -11.42 1.23
C VAL A 333 -21.03 -10.19 1.20
N VAL A 334 -22.36 -10.41 1.28
CA VAL A 334 -23.36 -9.34 1.31
C VAL A 334 -23.99 -9.39 2.69
N TRP A 335 -23.86 -8.31 3.46
CA TRP A 335 -24.41 -8.26 4.80
C TRP A 335 -25.86 -7.80 4.77
N GLU A 336 -26.79 -8.69 5.17
CA GLU A 336 -28.22 -8.42 5.17
C GLU A 336 -28.58 -7.18 5.94
N ASP A 337 -29.53 -6.39 5.41
CA ASP A 337 -30.08 -5.18 6.01
C ASP A 337 -29.06 -4.05 6.24
N THR A 338 -27.95 -4.03 5.48
CA THR A 338 -26.99 -2.94 5.61
C THR A 338 -27.24 -1.98 4.45
N SER A 339 -26.73 -0.77 4.58
CA SER A 339 -26.90 0.24 3.53
C SER A 339 -25.76 1.25 3.64
N PRO A 340 -25.23 1.73 2.50
CA PRO A 340 -24.20 2.78 2.58
C PRO A 340 -24.78 4.18 2.83
N LEU A 341 -26.09 4.36 2.58
CA LEU A 341 -26.73 5.68 2.71
C LEU A 341 -26.80 6.17 4.15
N GLN A 342 -26.82 5.26 5.12
CA GLN A 342 -26.86 5.59 6.55
C GLN A 342 -25.46 5.99 7.05
N ASP A 343 -24.41 5.41 6.45
CA ASP A 343 -23.02 5.61 6.84
C ASP A 343 -22.42 6.98 6.51
N THR A 344 -21.57 7.45 7.42
CA THR A 344 -20.86 8.72 7.29
C THR A 344 -19.35 8.42 7.35
N ALA A 345 -18.51 9.43 7.08
CA ALA A 345 -17.04 9.33 7.08
C ALA A 345 -16.45 8.62 8.28
N LEU A 346 -17.02 8.82 9.49
CA LEU A 346 -16.43 8.22 10.69
C LEU A 346 -17.29 7.15 11.35
N SER A 347 -18.33 6.69 10.65
CA SER A 347 -19.19 5.68 11.25
C SER A 347 -18.53 4.31 11.19
N LEU A 348 -18.81 3.48 12.19
CA LEU A 348 -18.33 2.10 12.23
C LEU A 348 -19.46 1.13 11.89
N GLN A 349 -19.11 -0.06 11.37
CA GLN A 349 -20.10 -1.12 11.10
C GLN A 349 -20.51 -1.70 12.46
N ASP A 350 -21.68 -2.42 12.51
CA ASP A 350 -22.22 -3.03 13.73
C ASP A 350 -21.21 -3.90 14.45
N THR A 351 -20.36 -4.60 13.69
CA THR A 351 -19.29 -5.45 14.20
C THR A 351 -18.10 -5.25 13.26
N TRP A 352 -16.87 -5.46 13.74
CA TRP A 352 -15.69 -5.28 12.89
C TRP A 352 -15.77 -6.11 11.61
N PHE A 353 -16.21 -7.39 11.71
CA PHE A 353 -16.23 -8.29 10.55
C PHE A 353 -17.23 -7.92 9.49
N LYS A 354 -18.20 -7.04 9.80
CA LYS A 354 -19.13 -6.62 8.75
C LYS A 354 -18.48 -5.68 7.73
N LYS A 355 -17.24 -5.23 7.99
CA LYS A 355 -16.52 -4.39 7.05
C LYS A 355 -15.74 -5.28 6.04
N LEU A 356 -15.57 -6.56 6.38
CA LEU A 356 -14.89 -7.52 5.49
C LEU A 356 -15.72 -7.75 4.22
N ILE A 357 -15.09 -7.63 3.05
CA ILE A 357 -15.70 -7.69 1.73
C ILE A 357 -16.01 -9.09 1.23
N GLY A 358 -15.29 -10.07 1.78
CA GLY A 358 -15.35 -11.44 1.31
C GLY A 358 -13.95 -12.00 1.20
N PHE A 359 -13.80 -13.05 0.41
CA PHE A 359 -12.56 -13.81 0.32
C PHE A 359 -12.09 -14.14 -1.08
N LEU A 360 -10.79 -14.04 -1.32
CA LEU A 360 -10.18 -14.42 -2.59
C LEU A 360 -9.58 -15.82 -2.41
N VAL A 361 -9.97 -16.78 -3.25
CA VAL A 361 -9.39 -18.13 -3.22
C VAL A 361 -7.94 -17.97 -3.73
N GLN A 362 -6.95 -18.53 -3.01
CA GLN A 362 -5.54 -18.45 -3.41
C GLN A 362 -5.19 -19.74 -4.20
N PRO A 363 -5.20 -19.72 -5.56
CA PRO A 363 -4.90 -20.96 -6.31
C PRO A 363 -3.42 -21.15 -6.57
N SER A 368 -2.77 -27.44 -0.05
CA SER A 368 -3.58 -26.71 0.93
C SER A 368 -4.74 -25.96 0.26
N HIS A 369 -5.77 -25.54 1.04
CA HIS A 369 -6.95 -24.80 0.55
C HIS A 369 -7.06 -23.48 1.32
N VAL A 370 -6.65 -22.38 0.67
CA VAL A 370 -6.53 -21.07 1.33
C VAL A 370 -7.46 -19.99 0.77
N LEU A 371 -8.03 -19.18 1.70
CA LEU A 371 -8.88 -18.04 1.42
C LEU A 371 -8.18 -16.81 1.94
N CYS A 372 -8.39 -15.67 1.27
CA CYS A 372 -7.80 -14.42 1.73
C CYS A 372 -8.91 -13.40 1.86
N GLY A 373 -9.22 -13.01 3.08
CA GLY A 373 -10.24 -12.01 3.36
C GLY A 373 -9.58 -10.64 3.35
N PHE A 374 -10.34 -9.59 2.93
CA PHE A 374 -9.84 -8.20 2.87
C PHE A 374 -10.75 -7.33 3.69
N ILE A 375 -10.16 -6.40 4.41
CA ILE A 375 -10.89 -5.51 5.30
C ILE A 375 -10.11 -4.21 5.45
N ALA A 376 -10.80 -3.08 5.27
CA ALA A 376 -10.18 -1.74 5.31
C ALA A 376 -10.73 -0.86 6.45
N GLY A 377 -9.95 0.14 6.80
CA GLY A 377 -10.35 1.15 7.77
C GLY A 377 -10.27 0.81 9.23
N LEU A 378 -11.09 1.50 10.01
CA LEU A 378 -11.06 1.35 11.48
C LEU A 378 -11.38 -0.04 11.97
N GLU A 379 -12.26 -0.76 11.26
CA GLU A 379 -12.62 -2.14 11.63
C GLU A 379 -11.43 -3.06 11.37
N SER A 380 -10.63 -2.71 10.35
CA SER A 380 -9.44 -3.46 10.01
C SER A 380 -8.36 -3.19 11.07
N GLU A 381 -8.22 -1.93 11.54
CA GLU A 381 -7.29 -1.57 12.62
C GLU A 381 -7.67 -2.31 13.91
N PHE A 382 -8.99 -2.44 14.17
CA PHE A 382 -9.51 -3.19 15.33
C PHE A 382 -9.13 -4.68 15.23
N MET A 383 -9.31 -5.29 14.04
CA MET A 383 -8.96 -6.69 13.78
C MET A 383 -7.52 -6.97 14.20
N GLU A 384 -6.60 -6.03 13.89
CA GLU A 384 -5.19 -6.19 14.26
C GLU A 384 -4.98 -6.38 15.75
N THR A 385 -5.85 -5.79 16.60
CA THR A 385 -5.78 -5.86 18.08
C THR A 385 -6.27 -7.21 18.63
N LEU A 386 -7.01 -7.96 17.81
CA LEU A 386 -7.49 -9.27 18.21
C LEU A 386 -6.37 -10.29 18.08
N SER A 387 -6.44 -11.38 18.88
CA SER A 387 -5.46 -12.46 18.79
C SER A 387 -5.75 -13.26 17.50
N ASP A 388 -4.77 -14.04 17.01
CA ASP A 388 -4.95 -14.93 15.86
C ASP A 388 -6.16 -15.86 16.10
N GLU A 389 -6.26 -16.42 17.32
CA GLU A 389 -7.34 -17.35 17.71
C GLU A 389 -8.72 -16.71 17.56
N GLU A 390 -8.87 -15.46 18.01
CA GLU A 390 -10.14 -14.73 17.92
C GLU A 390 -10.54 -14.49 16.44
N VAL A 391 -9.57 -14.12 15.59
CA VAL A 391 -9.86 -13.87 14.17
C VAL A 391 -10.33 -15.18 13.52
N LEU A 392 -9.58 -16.29 13.75
CA LEU A 392 -9.90 -17.61 13.20
C LEU A 392 -11.30 -18.04 13.63
N LEU A 393 -11.61 -18.01 14.95
CA LEU A 393 -12.92 -18.39 15.50
C LEU A 393 -14.04 -17.50 14.96
N SER A 394 -13.86 -16.17 14.97
CA SER A 394 -14.85 -15.23 14.48
C SER A 394 -15.17 -15.43 12.99
N LEU A 395 -14.12 -15.59 12.16
CA LEU A 395 -14.34 -15.78 10.72
C LEU A 395 -14.90 -17.17 10.40
N THR A 396 -14.62 -18.19 11.25
CA THR A 396 -15.21 -19.54 11.10
C THR A 396 -16.73 -19.40 11.31
N GLN A 397 -17.15 -18.68 12.38
CA GLN A 397 -18.56 -18.41 12.69
C GLN A 397 -19.24 -17.64 11.55
N VAL A 398 -18.53 -16.63 10.98
CA VAL A 398 -19.01 -15.84 9.83
C VAL A 398 -19.26 -16.76 8.63
N LEU A 399 -18.26 -17.62 8.30
CA LEU A 399 -18.37 -18.54 7.16
C LEU A 399 -19.46 -19.57 7.33
N ARG A 400 -19.67 -20.06 8.58
CA ARG A 400 -20.75 -20.99 8.93
C ARG A 400 -22.11 -20.32 8.70
N ARG A 401 -22.23 -19.03 9.05
CA ARG A 401 -23.46 -18.25 8.89
C ARG A 401 -23.76 -17.99 7.41
N VAL A 402 -22.76 -17.42 6.71
CA VAL A 402 -22.80 -17.01 5.31
C VAL A 402 -23.02 -18.21 4.34
N THR A 403 -22.45 -19.41 4.63
CA THR A 403 -22.64 -20.61 3.79
C THR A 403 -23.96 -21.33 4.11
N GLY A 404 -24.55 -21.00 5.26
CA GLY A 404 -25.75 -21.66 5.76
C GLY A 404 -25.45 -23.10 6.15
N ASN A 405 -24.29 -23.33 6.81
CA ASN A 405 -23.82 -24.66 7.23
C ASN A 405 -23.14 -24.58 8.61
N PRO A 406 -23.89 -24.90 9.71
CA PRO A 406 -23.28 -24.83 11.06
C PRO A 406 -22.22 -25.89 11.36
N GLN A 407 -22.09 -26.90 10.48
CA GLN A 407 -21.13 -28.01 10.60
C GLN A 407 -19.81 -27.74 9.87
N LEU A 408 -19.76 -26.64 9.08
CA LEU A 408 -18.58 -26.25 8.31
C LEU A 408 -17.33 -26.37 9.19
N PRO A 409 -16.32 -27.18 8.81
CA PRO A 409 -15.12 -27.29 9.66
C PRO A 409 -14.42 -25.94 9.84
N ALA A 410 -13.86 -25.72 11.03
CA ALA A 410 -13.12 -24.51 11.37
C ALA A 410 -11.82 -24.45 10.58
N ALA A 411 -11.36 -23.22 10.30
CA ALA A 411 -10.09 -23.00 9.63
C ALA A 411 -9.00 -23.61 10.52
N LYS A 412 -8.07 -24.28 9.90
CA LYS A 412 -6.95 -24.94 10.56
C LYS A 412 -5.91 -23.91 11.04
N SER A 413 -5.64 -22.89 10.22
CA SER A 413 -4.63 -21.87 10.56
C SER A 413 -5.03 -20.51 9.98
N VAL A 414 -4.44 -19.46 10.55
CA VAL A 414 -4.64 -18.07 10.11
C VAL A 414 -3.29 -17.36 10.03
N ARG A 415 -3.18 -16.45 9.08
CA ARG A 415 -2.02 -15.57 8.93
C ARG A 415 -2.62 -14.25 8.47
N ARG A 416 -2.42 -13.19 9.23
CA ARG A 416 -3.00 -11.91 8.84
C ARG A 416 -1.96 -10.80 8.83
N SER A 417 -2.18 -9.78 8.00
CA SER A 417 -1.29 -8.63 8.01
C SER A 417 -1.75 -7.72 9.15
N GLN A 418 -0.84 -6.91 9.66
CA GLN A 418 -1.11 -5.93 10.73
C GLN A 418 -0.39 -4.62 10.35
N TRP A 419 -0.83 -4.01 9.23
CA TRP A 419 -0.16 -2.81 8.68
C TRP A 419 -0.29 -1.56 9.54
N HIS A 420 -1.45 -1.32 10.18
CA HIS A 420 -1.57 -0.12 11.02
C HIS A 420 -0.67 -0.20 12.26
N SER A 421 -0.56 -1.39 12.87
CA SER A 421 0.28 -1.49 14.07
C SER A 421 1.79 -1.69 13.77
N ALA A 422 2.18 -1.85 12.49
CA ALA A 422 3.60 -1.97 12.09
C ALA A 422 4.26 -0.60 12.37
N PRO A 423 5.18 -0.52 13.36
CA PRO A 423 5.71 0.81 13.75
C PRO A 423 6.39 1.62 12.64
N TYR A 424 6.96 0.96 11.64
CA TYR A 424 7.69 1.66 10.59
C TYR A 424 6.83 1.88 9.32
N THR A 425 5.51 1.61 9.42
CA THR A 425 4.60 1.82 8.29
C THR A 425 3.36 2.58 8.72
N ARG A 426 2.65 2.05 9.75
CA ARG A 426 1.44 2.67 10.32
C ARG A 426 0.31 2.88 9.33
N GLY A 427 0.03 1.85 8.55
CA GLY A 427 -1.05 1.88 7.57
C GLY A 427 -0.64 1.15 6.31
N SER A 428 -1.47 1.21 5.28
CA SER A 428 -1.25 0.45 4.06
C SER A 428 -0.80 1.31 2.88
N TYR A 429 -1.53 2.38 2.56
CA TYR A 429 -1.15 3.25 1.45
C TYR A 429 -1.92 4.52 1.48
N SER A 430 -1.41 5.50 0.76
CA SER A 430 -1.95 6.84 0.68
C SER A 430 -3.12 6.98 -0.28
N TYR A 431 -3.88 8.04 -0.05
CA TYR A 431 -4.98 8.47 -0.92
C TYR A 431 -5.08 10.00 -0.75
N VAL A 432 -5.70 10.65 -1.72
CA VAL A 432 -5.84 12.11 -1.66
C VAL A 432 -7.13 12.35 -0.89
N ALA A 433 -7.00 12.62 0.39
CA ALA A 433 -8.12 12.80 1.30
C ALA A 433 -8.82 14.14 1.11
N VAL A 434 -10.06 14.25 1.57
CA VAL A 434 -10.78 15.55 1.56
C VAL A 434 -9.90 16.51 2.37
N GLY A 435 -9.64 17.70 1.82
CA GLY A 435 -8.78 18.69 2.47
C GLY A 435 -7.39 18.68 1.86
N SER A 436 -7.12 17.70 0.99
CA SER A 436 -5.84 17.61 0.28
C SER A 436 -6.10 17.53 -1.21
N THR A 437 -5.06 17.76 -2.03
CA THR A 437 -5.19 17.71 -3.49
C THR A 437 -3.95 16.98 -4.05
N GLY A 438 -3.92 16.79 -5.36
CA GLY A 438 -2.77 16.25 -6.10
C GLY A 438 -1.52 17.09 -5.89
N ASP A 439 -1.65 18.42 -5.62
CA ASP A 439 -0.51 19.32 -5.32
C ASP A 439 0.25 18.89 -4.05
N ASP A 440 -0.46 18.26 -3.10
CA ASP A 440 0.11 17.77 -1.85
C ASP A 440 1.03 16.57 -2.11
N LEU A 441 0.71 15.72 -3.14
CA LEU A 441 1.62 14.63 -3.54
C LEU A 441 2.89 15.20 -4.18
N ASP A 442 2.76 16.34 -4.90
CA ASP A 442 3.95 17.03 -5.46
C ASP A 442 4.76 17.68 -4.34
N LEU A 443 4.09 18.24 -3.31
CA LEU A 443 4.80 18.79 -2.15
C LEU A 443 5.56 17.69 -1.39
N MET A 444 5.01 16.46 -1.35
CA MET A 444 5.70 15.30 -0.72
C MET A 444 7.01 15.02 -1.47
N ALA A 445 7.00 15.16 -2.79
CA ALA A 445 8.15 14.91 -3.65
C ALA A 445 9.16 16.06 -3.64
N GLN A 446 8.77 17.26 -3.16
CA GLN A 446 9.67 18.42 -3.23
C GLN A 446 10.96 18.22 -2.39
N PRO A 447 12.16 18.43 -2.96
CA PRO A 447 13.37 18.25 -2.16
C PRO A 447 13.61 19.40 -1.17
N LEU A 448 14.48 19.16 -0.20
CA LEU A 448 14.93 20.19 0.73
C LEU A 448 16.08 20.97 0.06
N PRO A 449 16.39 22.23 0.49
CA PRO A 449 17.48 23.00 -0.15
C PRO A 449 18.77 22.24 -0.37
N GLY A 450 19.38 22.49 -1.53
CA GLY A 450 20.62 21.89 -2.00
C GLY A 450 20.50 20.39 -2.19
N LEU A 451 19.24 19.84 -2.27
CA LEU A 451 18.99 18.39 -2.38
C LEU A 451 19.61 17.66 -1.17
N GLN A 452 19.66 18.33 -0.01
CA GLN A 452 20.25 17.74 1.21
C GLN A 452 19.42 16.52 1.59
N VAL A 453 18.09 16.66 1.47
CA VAL A 453 17.12 15.58 1.74
C VAL A 453 16.17 15.52 0.55
N LEU A 454 16.01 14.31 0.01
CA LEU A 454 15.11 14.00 -1.12
C LEU A 454 14.03 13.05 -0.65
N PHE A 455 12.90 13.00 -1.37
CA PHE A 455 11.76 12.21 -0.95
C PHE A 455 11.23 11.33 -2.06
N ALA A 456 11.18 10.03 -1.78
CA ALA A 456 10.58 9.06 -2.69
C ALA A 456 9.63 8.17 -1.87
N GLY A 457 8.90 7.30 -2.57
CA GLY A 457 7.88 6.47 -1.94
C GLY A 457 6.56 6.64 -2.65
N GLU A 458 5.68 5.65 -2.50
CA GLU A 458 4.37 5.69 -3.17
C GLU A 458 3.61 6.99 -2.89
N ALA A 459 3.72 7.56 -1.67
CA ALA A 459 2.97 8.80 -1.38
C ALA A 459 3.68 10.08 -1.87
N THR A 460 4.62 9.93 -2.81
CA THR A 460 5.33 11.06 -3.44
C THR A 460 5.02 11.09 -4.95
N HIS A 461 4.17 10.16 -5.42
CA HIS A 461 3.84 10.06 -6.84
C HIS A 461 2.41 10.55 -7.06
N ARG A 462 2.26 11.62 -7.87
CA ARG A 462 0.93 12.25 -8.05
C ARG A 462 -0.13 11.36 -8.74
N THR A 463 0.30 10.49 -9.68
CA THR A 463 -0.65 9.69 -10.48
C THR A 463 -0.60 8.17 -10.26
N PHE A 464 0.48 7.68 -9.63
CA PHE A 464 0.63 6.26 -9.33
C PHE A 464 0.84 5.99 -7.81
N TYR A 465 0.37 6.91 -6.94
CA TYR A 465 0.40 6.69 -5.49
C TYR A 465 -0.37 5.39 -5.17
N SER A 466 -0.04 4.75 -4.04
CA SER A 466 -0.67 3.49 -3.57
C SER A 466 -0.29 2.26 -4.42
N THR A 467 0.74 2.35 -5.27
CA THR A 467 1.14 1.18 -6.09
C THR A 467 2.63 0.88 -5.96
N THR A 468 3.05 -0.32 -6.41
CA THR A 468 4.47 -0.65 -6.41
C THR A 468 5.17 0.17 -7.53
N HIS A 469 4.53 0.36 -8.69
CA HIS A 469 5.18 1.10 -9.79
C HIS A 469 5.36 2.59 -9.50
N GLY A 470 4.41 3.18 -8.77
CA GLY A 470 4.53 4.56 -8.31
C GLY A 470 5.75 4.72 -7.42
N ALA A 471 5.87 3.82 -6.45
CA ALA A 471 6.99 3.78 -5.50
C ALA A 471 8.31 3.58 -6.30
N LEU A 472 8.33 2.61 -7.22
CA LEU A 472 9.55 2.38 -8.03
C LEU A 472 9.95 3.64 -8.82
N LEU A 473 9.01 4.21 -9.58
CA LEU A 473 9.25 5.40 -10.39
C LEU A 473 9.76 6.57 -9.54
N SER A 474 9.26 6.71 -8.31
CA SER A 474 9.70 7.78 -7.41
C SER A 474 11.18 7.64 -6.99
N GLY A 475 11.66 6.40 -6.82
CA GLY A 475 13.06 6.14 -6.48
C GLY A 475 13.96 6.51 -7.65
N TRP A 476 13.54 6.13 -8.87
CA TRP A 476 14.30 6.46 -10.08
C TRP A 476 14.34 7.97 -10.30
N ARG A 477 13.20 8.66 -10.03
CA ARG A 477 13.06 10.12 -10.09
C ARG A 477 14.12 10.82 -9.19
N GLU A 478 14.28 10.35 -7.94
CA GLU A 478 15.22 10.93 -6.99
C GLU A 478 16.67 10.65 -7.37
N ALA A 479 16.96 9.45 -7.91
CA ALA A 479 18.31 9.16 -8.41
C ALA A 479 18.67 10.12 -9.56
N ASP A 480 17.73 10.31 -10.52
CA ASP A 480 17.91 11.20 -11.66
C ASP A 480 18.15 12.64 -11.20
N ARG A 481 17.38 13.11 -10.18
CA ARG A 481 17.52 14.46 -9.62
C ARG A 481 18.99 14.66 -9.08
N LEU A 482 19.54 13.65 -8.39
CA LEU A 482 20.90 13.72 -7.86
C LEU A 482 21.95 13.72 -8.94
N VAL A 483 21.82 12.83 -9.93
CA VAL A 483 22.78 12.72 -11.05
C VAL A 483 22.91 14.07 -11.76
N SER A 484 21.78 14.79 -11.97
CA SER A 484 21.78 16.12 -12.62
C SER A 484 22.57 17.13 -11.79
N LEU A 485 22.40 17.10 -10.46
CA LEU A 485 23.19 17.99 -9.57
C LEU A 485 24.70 17.64 -9.71
N TRP A 486 25.07 16.36 -9.63
CA TRP A 486 26.48 15.96 -9.75
C TRP A 486 27.07 16.33 -11.12
N ASP A 487 26.29 16.15 -12.19
CA ASP A 487 26.73 16.54 -13.53
C ASP A 487 26.97 18.05 -13.59
N SER A 488 26.12 18.85 -12.92
CA SER A 488 26.24 20.32 -12.88
C SER A 488 27.45 20.80 -12.05
N GLN A 489 27.79 20.09 -10.97
CA GLN A 489 28.97 20.43 -10.14
C GLN A 489 30.24 20.20 -10.97
N VAL A 490 30.25 19.13 -11.79
CA VAL A 490 31.37 18.78 -12.68
C VAL A 490 31.60 19.86 -13.76
N GLU A 491 30.51 20.28 -14.42
CA GLU A 491 30.53 21.27 -15.49
C GLU A 491 31.10 22.61 -15.05
N GLN A 492 30.76 23.06 -13.82
CA GLN A 492 31.26 24.32 -13.25
C GLN A 492 32.67 24.19 -12.64
#